data_1CWP
#
_entry.id   1CWP
#
_cell.length_a   381.300
_cell.length_b   381.300
_cell.length_c   408.600
_cell.angle_alpha   90.00
_cell.angle_beta   90.00
_cell.angle_gamma   90.00
#
_symmetry.space_group_name_H-M   'P 21 21 21'
#
loop_
_entity.id
_entity.type
_entity.pdbx_description
1 polymer "RNA (5'-R(*AP*UP*AP*U)-3')"
2 polymer "RNA (5'-R(*AP*U)-3')"
3 polymer 'Coat protein'
#
loop_
_entity_poly.entity_id
_entity_poly.type
_entity_poly.pdbx_seq_one_letter_code
_entity_poly.pdbx_strand_id
1 'polyribonucleotide' AUAU D,F
2 'polyribonucleotide' AU E
3 'polypeptide(L)'
;MSTVGTGKLTRAQRRAAARKNKRNTRVVQPVIVEPIASGQGKAIKAWTGYSVSKWTASCAAAEAKVTSAITISLPNELSS
ERNKQLKVGRVLLWLGLLPSVSGTVKSCVTETQTTAAASFQVALAVADNSKDVVAAMYPEAFKGITLEQLAADLTIYLYS
SAALTEGDVIVHLEVEHVRPTFDDSFTPVY
;
A,B,C
#
# COMPACT_ATOMS: atom_id res chain seq x y z
N LYS D 42 -14.56 -28.59 -21.77
CA LYS D 42 -13.95 -27.22 -21.87
C LYS D 42 -13.26 -26.95 -20.53
N ALA D 43 -12.02 -26.48 -20.59
CA ALA D 43 -11.28 -26.13 -19.38
C ALA D 43 -11.03 -24.66 -19.59
N ILE D 44 -11.15 -23.85 -18.55
CA ILE D 44 -10.92 -22.43 -18.74
C ILE D 44 -9.44 -22.11 -18.85
N LYS D 45 -9.04 -21.56 -19.99
CA LYS D 45 -7.65 -21.20 -20.15
C LYS D 45 -7.40 -19.90 -19.40
N ALA D 46 -6.15 -19.73 -18.99
CA ALA D 46 -5.73 -18.54 -18.27
C ALA D 46 -5.50 -17.47 -19.31
N TRP D 47 -5.06 -16.31 -18.85
CA TRP D 47 -4.78 -15.22 -19.76
C TRP D 47 -3.36 -15.28 -20.28
N THR D 48 -3.14 -14.55 -21.36
CA THR D 48 -1.83 -14.49 -21.93
C THR D 48 -1.02 -13.69 -20.91
N GLY D 49 0.07 -14.29 -20.42
CA GLY D 49 0.88 -13.62 -19.43
C GLY D 49 0.58 -14.18 -18.06
N TYR D 50 -0.71 -14.30 -17.74
CA TYR D 50 -1.13 -14.85 -16.47
C TYR D 50 -1.02 -16.38 -16.44
N SER D 51 -0.54 -16.91 -15.32
CA SER D 51 -0.50 -18.35 -15.14
C SER D 51 -1.36 -18.58 -13.89
N VAL D 52 -1.88 -19.78 -13.71
CA VAL D 52 -2.74 -20.11 -12.58
C VAL D 52 -2.02 -20.87 -11.48
N SER D 53 -2.15 -20.38 -10.25
CA SER D 53 -1.55 -21.03 -9.09
C SER D 53 -2.70 -21.63 -8.31
N LYS D 54 -2.54 -22.88 -7.90
CA LYS D 54 -3.59 -23.56 -7.17
C LYS D 54 -3.00 -24.08 -5.87
N TRP D 55 -3.69 -23.86 -4.76
CA TRP D 55 -3.22 -24.36 -3.47
C TRP D 55 -4.36 -24.67 -2.52
N THR D 56 -4.08 -25.49 -1.52
CA THR D 56 -5.10 -25.92 -0.57
C THR D 56 -4.95 -25.44 0.86
N ALA D 57 -6.04 -25.54 1.61
CA ALA D 57 -6.07 -25.12 3.00
C ALA D 57 -6.97 -26.08 3.75
N SER D 58 -6.51 -26.52 4.91
CA SER D 58 -7.28 -27.48 5.70
C SER D 58 -8.36 -26.96 6.63
N CYS D 59 -9.42 -27.76 6.72
CA CYS D 59 -10.58 -27.51 7.56
C CYS D 59 -10.09 -27.27 8.98
N ALA D 60 -10.88 -26.53 9.74
CA ALA D 60 -10.49 -26.16 11.10
C ALA D 60 -10.98 -26.94 12.30
N ALA D 61 -11.87 -27.91 12.11
CA ALA D 61 -12.39 -28.66 13.25
C ALA D 61 -13.18 -27.69 14.12
N ALA D 62 -14.45 -27.52 13.80
CA ALA D 62 -15.30 -26.62 14.56
C ALA D 62 -16.67 -27.22 14.80
N GLU D 63 -17.49 -26.51 15.56
CA GLU D 63 -18.83 -26.95 15.90
C GLU D 63 -19.85 -26.65 14.82
N ALA D 64 -21.02 -27.26 14.98
CA ALA D 64 -22.12 -27.10 14.07
C ALA D 64 -22.62 -25.65 14.02
N LYS D 65 -23.04 -25.23 12.83
CA LYS D 65 -23.58 -23.89 12.60
C LYS D 65 -22.65 -22.73 12.86
N VAL D 66 -21.36 -23.00 12.94
CA VAL D 66 -20.40 -21.96 13.18
C VAL D 66 -19.73 -21.61 11.88
N THR D 67 -19.58 -20.31 11.64
CA THR D 67 -18.92 -19.82 10.47
C THR D 67 -17.50 -19.54 10.93
N SER D 68 -16.56 -20.33 10.44
CA SER D 68 -15.18 -20.16 10.81
C SER D 68 -14.44 -19.41 9.72
N ALA D 69 -13.23 -18.99 10.02
CA ALA D 69 -12.43 -18.25 9.07
C ALA D 69 -11.07 -18.90 8.85
N ILE D 70 -10.66 -18.91 7.60
CA ILE D 70 -9.38 -19.47 7.18
C ILE D 70 -8.61 -18.32 6.58
N THR D 71 -7.34 -18.24 6.91
CA THR D 71 -6.51 -17.17 6.38
C THR D 71 -5.78 -17.59 5.12
N ILE D 72 -5.86 -16.77 4.09
CA ILE D 72 -5.20 -17.09 2.84
C ILE D 72 -3.74 -16.74 3.05
N SER D 73 -2.88 -17.73 2.92
CA SER D 73 -1.45 -17.51 3.07
C SER D 73 -0.81 -17.96 1.76
N LEU D 74 0.14 -17.17 1.29
CA LEU D 74 0.81 -17.48 0.04
C LEU D 74 1.76 -18.65 0.04
N PRO D 75 1.73 -19.43 -1.05
CA PRO D 75 2.60 -20.60 -1.20
C PRO D 75 4.00 -20.04 -1.45
N ASN D 76 4.99 -20.70 -0.89
CA ASN D 76 6.38 -20.27 -0.98
C ASN D 76 6.88 -19.69 -2.30
N GLU D 77 6.55 -20.34 -3.41
CA GLU D 77 6.99 -19.86 -4.72
C GLU D 77 6.54 -18.43 -4.97
N LEU D 78 5.34 -18.10 -4.51
CA LEU D 78 4.80 -16.76 -4.68
C LEU D 78 5.15 -15.85 -3.52
N SER D 79 5.91 -16.36 -2.56
CA SER D 79 6.26 -15.61 -1.36
C SER D 79 7.37 -14.56 -1.32
N SER D 80 8.09 -14.36 -2.41
CA SER D 80 9.14 -13.35 -2.37
C SER D 80 8.53 -11.96 -2.42
N GLU D 81 9.30 -10.97 -1.97
CA GLU D 81 8.87 -9.58 -1.94
C GLU D 81 8.41 -9.20 -3.33
N ARG D 82 9.18 -9.63 -4.32
CA ARG D 82 8.82 -9.31 -5.69
C ARG D 82 7.63 -10.08 -6.25
N ASN D 83 7.55 -11.37 -5.98
CA ASN D 83 6.42 -12.16 -6.49
C ASN D 83 5.09 -11.70 -5.92
N LYS D 84 5.12 -11.17 -4.70
CA LYS D 84 3.92 -10.69 -4.03
C LYS D 84 3.26 -9.54 -4.74
N GLN D 85 4.06 -8.74 -5.44
CA GLN D 85 3.55 -7.59 -6.16
C GLN D 85 2.77 -7.96 -7.41
N LEU D 86 2.83 -9.24 -7.78
CA LEU D 86 2.15 -9.77 -8.94
C LEU D 86 0.66 -9.48 -8.87
N LYS D 87 0.06 -9.15 -10.01
CA LYS D 87 -1.35 -8.86 -10.05
C LYS D 87 -2.25 -10.06 -10.26
N VAL D 88 -3.37 -10.02 -9.55
CA VAL D 88 -4.37 -11.06 -9.56
C VAL D 88 -5.30 -10.90 -10.74
N GLY D 89 -5.91 -12.00 -11.16
CA GLY D 89 -6.83 -11.96 -12.27
C GLY D 89 -8.07 -12.67 -11.80
N ARG D 90 -8.46 -13.72 -12.48
CA ARG D 90 -9.63 -14.49 -12.07
C ARG D 90 -9.26 -15.37 -10.89
N VAL D 91 -10.20 -15.54 -9.97
CA VAL D 91 -9.99 -16.37 -8.78
C VAL D 91 -11.14 -17.37 -8.67
N LEU D 92 -10.82 -18.62 -8.35
CA LEU D 92 -11.80 -19.69 -8.23
C LEU D 92 -11.72 -20.36 -6.86
N LEU D 93 -12.88 -20.81 -6.36
CA LEU D 93 -12.95 -21.49 -5.08
C LEU D 93 -13.73 -22.79 -5.18
N TRP D 94 -13.04 -23.83 -4.76
CA TRP D 94 -13.49 -25.21 -4.71
C TRP D 94 -13.99 -25.51 -3.31
N LEU D 95 -14.15 -26.80 -3.07
CA LEU D 95 -14.58 -27.33 -1.80
C LEU D 95 -14.47 -28.83 -1.97
N GLY D 96 -13.42 -29.41 -1.39
CA GLY D 96 -13.21 -30.83 -1.50
C GLY D 96 -13.53 -31.52 -0.20
N LEU D 97 -14.82 -31.70 0.08
CA LEU D 97 -15.22 -32.36 1.31
C LEU D 97 -15.19 -33.89 1.20
N LEU D 98 -14.90 -34.52 2.32
CA LEU D 98 -14.80 -35.97 2.47
C LEU D 98 -16.16 -36.64 2.19
N PRO D 99 -16.16 -37.81 1.55
CA PRO D 99 -17.36 -38.58 1.19
C PRO D 99 -18.47 -38.80 2.23
N SER D 100 -18.13 -38.74 3.51
CA SER D 100 -19.13 -38.96 4.56
C SER D 100 -19.72 -37.70 5.17
N VAL D 101 -19.10 -36.55 4.93
CA VAL D 101 -19.61 -35.30 5.46
C VAL D 101 -21.01 -35.09 4.92
N SER D 102 -21.97 -35.01 5.83
CA SER D 102 -23.35 -34.82 5.45
C SER D 102 -23.89 -33.60 6.17
N GLY D 103 -24.42 -32.69 5.39
CA GLY D 103 -24.98 -31.47 5.93
C GLY D 103 -24.62 -30.46 4.88
N THR D 104 -24.94 -29.21 5.14
CA THR D 104 -24.63 -28.16 4.20
C THR D 104 -23.30 -27.54 4.59
N VAL D 105 -22.49 -27.26 3.58
CA VAL D 105 -21.18 -26.67 3.77
C VAL D 105 -21.19 -25.52 2.79
N LYS D 106 -20.77 -24.35 3.25
CA LYS D 106 -20.74 -23.18 2.40
C LYS D 106 -19.42 -22.46 2.59
N SER D 107 -18.95 -21.85 1.53
CA SER D 107 -17.72 -21.10 1.60
C SER D 107 -17.74 -19.99 0.57
N CYS D 108 -17.00 -18.93 0.87
CA CYS D 108 -16.89 -17.77 0.00
C CYS D 108 -15.62 -17.06 0.40
N VAL D 109 -15.02 -16.35 -0.55
CA VAL D 109 -13.80 -15.63 -0.28
C VAL D 109 -14.18 -14.19 -0.44
N THR D 110 -14.34 -13.50 0.68
CA THR D 110 -14.75 -12.12 0.67
C THR D 110 -13.98 -11.30 1.68
N GLU D 111 -14.01 -9.98 1.52
CA GLU D 111 -13.27 -9.10 2.41
C GLU D 111 -13.38 -9.45 3.87
N THR D 112 -12.26 -9.30 4.57
CA THR D 112 -12.18 -9.62 5.97
C THR D 112 -13.33 -8.96 6.71
N GLN D 113 -14.12 -9.80 7.36
CA GLN D 113 -15.33 -9.39 8.05
C GLN D 113 -15.25 -9.16 9.54
N THR D 114 -16.24 -8.42 10.04
CA THR D 114 -16.32 -8.09 11.45
C THR D 114 -17.12 -9.20 12.14
N THR D 115 -18.16 -9.65 11.45
CA THR D 115 -19.02 -10.69 11.97
C THR D 115 -19.10 -11.78 10.91
N ALA D 116 -18.09 -12.65 10.91
CA ALA D 116 -17.93 -13.76 9.97
C ALA D 116 -19.13 -14.20 9.11
N ALA D 117 -20.24 -14.52 9.75
CA ALA D 117 -21.43 -14.96 9.03
C ALA D 117 -21.91 -14.00 7.94
N ALA D 118 -21.66 -12.71 8.12
CA ALA D 118 -22.05 -11.69 7.17
C ALA D 118 -21.37 -11.87 5.82
N SER D 119 -20.25 -12.57 5.80
CA SER D 119 -19.53 -12.82 4.56
C SER D 119 -20.51 -13.28 3.50
N PHE D 120 -21.38 -14.20 3.88
CA PHE D 120 -22.36 -14.78 2.99
C PHE D 120 -23.40 -13.81 2.41
N GLN D 121 -23.67 -12.73 3.12
CA GLN D 121 -24.63 -11.74 2.66
C GLN D 121 -23.98 -10.77 1.70
N VAL D 122 -22.66 -10.83 1.62
CA VAL D 122 -21.90 -9.93 0.77
C VAL D 122 -21.21 -10.66 -0.38
N ALA D 123 -20.82 -11.91 -0.13
CA ALA D 123 -20.13 -12.74 -1.11
C ALA D 123 -20.73 -12.71 -2.51
N LEU D 124 -19.91 -12.30 -3.47
CA LEU D 124 -20.32 -12.22 -4.87
C LEU D 124 -20.54 -13.60 -5.47
N ALA D 125 -20.15 -14.61 -4.71
CA ALA D 125 -20.29 -16.01 -5.10
C ALA D 125 -20.00 -16.89 -3.88
N VAL D 126 -20.83 -17.92 -3.70
CA VAL D 126 -20.68 -18.82 -2.57
C VAL D 126 -20.71 -20.24 -3.10
N ALA D 127 -19.99 -21.14 -2.44
CA ALA D 127 -19.94 -22.55 -2.84
C ALA D 127 -20.78 -23.37 -1.87
N ASP D 128 -21.77 -24.08 -2.42
CA ASP D 128 -22.68 -24.92 -1.65
C ASP D 128 -22.46 -26.34 -2.10
N ASN D 129 -22.96 -27.29 -1.32
CA ASN D 129 -22.82 -28.69 -1.70
C ASN D 129 -24.21 -29.17 -2.06
N SER D 130 -25.19 -28.34 -1.72
CA SER D 130 -26.58 -28.61 -2.00
C SER D 130 -26.86 -28.31 -3.47
N LYS D 131 -25.89 -27.71 -4.15
CA LYS D 131 -26.04 -27.36 -5.57
C LYS D 131 -25.20 -28.27 -6.46
N ASP D 132 -25.64 -28.44 -7.71
CA ASP D 132 -24.96 -29.27 -8.69
C ASP D 132 -23.46 -29.00 -8.82
N VAL D 133 -23.06 -27.76 -8.54
CA VAL D 133 -21.66 -27.33 -8.61
C VAL D 133 -21.19 -26.78 -7.24
N VAL D 134 -19.98 -27.17 -6.85
CA VAL D 134 -19.41 -26.75 -5.55
C VAL D 134 -18.28 -25.74 -5.70
N ALA D 135 -18.48 -24.76 -6.58
CA ALA D 135 -17.45 -23.76 -6.81
C ALA D 135 -17.93 -22.35 -6.59
N ALA D 136 -16.98 -21.43 -6.59
CA ALA D 136 -17.24 -20.01 -6.44
C ALA D 136 -16.25 -19.44 -7.45
N MET D 137 -16.75 -18.76 -8.46
CA MET D 137 -15.87 -18.20 -9.47
C MET D 137 -15.86 -16.73 -9.25
N TYR D 138 -14.67 -16.16 -9.24
CA TYR D 138 -14.68 -14.74 -9.03
C TYR D 138 -14.28 -13.91 -10.19
N PRO D 139 -14.99 -13.99 -11.31
CA PRO D 139 -14.47 -13.09 -12.32
C PRO D 139 -14.45 -11.63 -11.82
N GLU D 140 -14.42 -10.70 -12.73
CA GLU D 140 -14.20 -9.26 -12.38
C GLU D 140 -14.09 -8.64 -10.91
N ALA D 141 -14.21 -9.46 -9.89
CA ALA D 141 -14.17 -9.05 -8.52
C ALA D 141 -12.81 -8.75 -7.83
N PHE D 142 -11.70 -9.34 -8.25
CA PHE D 142 -10.42 -9.06 -7.59
C PHE D 142 -9.35 -8.75 -8.63
N LYS D 143 -9.80 -8.26 -9.77
CA LYS D 143 -8.93 -8.00 -10.90
C LYS D 143 -7.62 -7.21 -10.76
N GLY D 144 -7.60 -6.15 -9.95
CA GLY D 144 -6.37 -5.38 -9.86
C GLY D 144 -5.48 -5.55 -8.64
N ILE D 145 -5.84 -6.49 -7.78
CA ILE D 145 -5.15 -6.75 -6.54
C ILE D 145 -3.76 -7.37 -6.70
N THR D 146 -2.95 -7.16 -5.68
CA THR D 146 -1.59 -7.67 -5.58
C THR D 146 -1.72 -8.95 -4.77
N LEU D 147 -0.92 -9.97 -5.07
CA LEU D 147 -0.98 -11.22 -4.31
C LEU D 147 -0.89 -10.89 -2.83
N GLU D 148 -0.07 -9.89 -2.54
CA GLU D 148 0.14 -9.39 -1.19
C GLU D 148 -1.18 -8.92 -0.58
N GLN D 149 -1.94 -8.15 -1.35
CA GLN D 149 -3.24 -7.63 -0.90
C GLN D 149 -4.26 -8.76 -0.74
N LEU D 150 -4.18 -9.76 -1.61
CA LEU D 150 -5.10 -10.90 -1.54
C LEU D 150 -4.93 -11.51 -0.16
N ALA D 151 -3.67 -11.63 0.27
CA ALA D 151 -3.33 -12.20 1.57
C ALA D 151 -3.58 -11.27 2.76
N ALA D 152 -3.99 -10.03 2.51
CA ALA D 152 -4.24 -9.10 3.58
C ALA D 152 -5.66 -8.57 3.63
N ASP D 153 -6.13 -8.03 2.51
CA ASP D 153 -7.45 -7.46 2.41
C ASP D 153 -8.67 -8.39 2.51
N LEU D 154 -8.53 -9.64 2.11
CA LEU D 154 -9.66 -10.58 2.19
C LEU D 154 -9.37 -11.92 2.86
N THR D 155 -10.44 -12.59 3.31
CA THR D 155 -10.35 -13.89 3.98
C THR D 155 -11.34 -14.95 3.46
N ILE D 156 -11.15 -16.20 3.89
CA ILE D 156 -11.99 -17.33 3.49
C ILE D 156 -12.86 -17.71 4.68
N TYR D 157 -14.15 -17.96 4.45
CA TYR D 157 -15.05 -18.35 5.53
C TYR D 157 -15.71 -19.68 5.23
N LEU D 158 -15.94 -20.48 6.27
CA LEU D 158 -16.53 -21.80 6.09
C LEU D 158 -17.63 -22.11 7.10
N TYR D 159 -18.81 -22.46 6.59
CA TYR D 159 -19.95 -22.80 7.43
C TYR D 159 -20.28 -24.26 7.18
N SER D 160 -20.81 -24.91 8.21
CA SER D 160 -21.22 -26.29 8.14
C SER D 160 -22.32 -26.41 9.19
N SER D 161 -23.43 -27.01 8.79
CA SER D 161 -24.56 -27.19 9.69
C SER D 161 -24.19 -28.22 10.74
N ALA D 162 -23.26 -29.11 10.39
CA ALA D 162 -22.80 -30.15 11.27
C ALA D 162 -21.39 -29.82 11.74
N ALA D 163 -21.00 -30.38 12.88
CA ALA D 163 -19.68 -30.14 13.42
C ALA D 163 -18.64 -30.87 12.60
N LEU D 164 -17.47 -30.25 12.44
CA LEU D 164 -16.40 -30.82 11.64
C LEU D 164 -15.15 -31.18 12.41
N THR D 165 -14.42 -32.12 11.84
CA THR D 165 -13.17 -32.56 12.38
C THR D 165 -12.12 -31.83 11.56
N GLU D 166 -10.93 -31.65 12.13
CA GLU D 166 -9.87 -30.98 11.40
C GLU D 166 -9.63 -31.87 10.20
N GLY D 167 -9.55 -31.25 9.02
CA GLY D 167 -9.32 -32.00 7.81
C GLY D 167 -10.52 -32.65 7.13
N ASP D 168 -11.73 -32.36 7.61
CA ASP D 168 -12.91 -32.94 6.99
C ASP D 168 -13.21 -32.34 5.64
N VAL D 169 -12.86 -31.06 5.52
CA VAL D 169 -13.09 -30.31 4.30
C VAL D 169 -11.79 -29.62 3.87
N ILE D 170 -11.30 -29.95 2.69
CA ILE D 170 -10.10 -29.31 2.18
C ILE D 170 -10.54 -28.23 1.21
N VAL D 171 -9.96 -27.04 1.36
CA VAL D 171 -10.29 -25.90 0.53
C VAL D 171 -9.25 -25.68 -0.56
N HIS D 172 -9.71 -25.60 -1.82
CA HIS D 172 -8.80 -25.34 -2.94
C HIS D 172 -9.11 -23.94 -3.39
N LEU D 173 -8.07 -23.15 -3.63
CA LEU D 173 -8.22 -21.78 -4.08
C LEU D 173 -7.20 -21.63 -5.20
N GLU D 174 -7.68 -21.20 -6.36
CA GLU D 174 -6.83 -21.02 -7.52
C GLU D 174 -6.84 -19.54 -7.93
N VAL D 175 -5.65 -18.97 -8.07
CA VAL D 175 -5.51 -17.56 -8.40
C VAL D 175 -4.72 -17.28 -9.68
N GLU D 176 -5.31 -16.51 -10.58
CA GLU D 176 -4.65 -16.11 -11.81
C GLU D 176 -3.75 -14.96 -11.35
N HIS D 177 -2.48 -15.02 -11.72
CA HIS D 177 -1.58 -13.93 -11.36
C HIS D 177 -0.58 -13.84 -12.50
N VAL D 178 -0.17 -12.62 -12.80
CA VAL D 178 0.79 -12.37 -13.87
C VAL D 178 1.97 -13.30 -13.64
N ARG D 179 2.40 -13.97 -14.71
CA ARG D 179 3.50 -14.91 -14.64
C ARG D 179 4.73 -14.21 -14.10
N PRO D 180 5.33 -14.78 -13.06
CA PRO D 180 6.52 -14.16 -12.48
C PRO D 180 7.70 -14.27 -13.47
N THR D 181 8.40 -13.16 -13.63
CA THR D 181 9.53 -13.03 -14.54
C THR D 181 10.70 -13.89 -14.10
N PHE D 182 10.87 -13.88 -12.78
CA PHE D 182 11.94 -14.59 -12.09
C PHE D 182 12.17 -16.07 -12.36
N ASP D 183 11.10 -16.79 -12.67
CA ASP D 183 11.19 -18.22 -12.94
C ASP D 183 12.11 -18.51 -14.13
N ASP D 184 12.51 -17.49 -14.86
CA ASP D 184 13.34 -17.75 -16.01
C ASP D 184 14.82 -17.56 -15.76
N SER D 185 15.16 -17.19 -14.54
CA SER D 185 16.55 -17.01 -14.19
C SER D 185 16.88 -17.94 -13.06
N PHE D 186 18.18 -18.18 -12.90
CA PHE D 186 18.71 -18.98 -11.83
C PHE D 186 19.15 -17.87 -10.89
N THR D 187 19.21 -18.16 -9.60
CA THR D 187 19.67 -17.17 -8.67
C THR D 187 21.16 -16.93 -8.90
N PRO D 188 21.60 -15.66 -8.92
CA PRO D 188 23.01 -15.36 -9.13
C PRO D 188 23.85 -16.08 -8.06
N VAL D 189 25.15 -16.16 -8.25
CA VAL D 189 25.99 -16.94 -7.31
C VAL D 189 27.02 -16.25 -6.39
N TYR D 190 27.25 -14.95 -6.56
CA TYR D 190 28.23 -14.28 -5.68
C TYR D 190 27.59 -13.56 -4.48
N VAL E 27 -1.02 51.33 -25.92
CA VAL E 27 -2.46 51.54 -26.18
C VAL E 27 -3.23 51.01 -24.97
N VAL E 28 -4.20 51.79 -24.51
CA VAL E 28 -4.99 51.44 -23.35
C VAL E 28 -6.28 50.80 -23.79
N GLN E 29 -6.51 49.56 -23.35
CA GLN E 29 -7.72 48.85 -23.71
C GLN E 29 -8.85 49.13 -22.74
N PRO E 30 -9.95 49.72 -23.24
CA PRO E 30 -11.03 49.95 -22.27
C PRO E 30 -11.69 48.61 -22.08
N VAL E 31 -12.07 48.32 -20.86
CA VAL E 31 -12.66 47.06 -20.54
C VAL E 31 -13.88 47.29 -19.66
N ILE E 32 -14.89 46.44 -19.81
CA ILE E 32 -16.10 46.53 -18.99
C ILE E 32 -16.11 45.21 -18.25
N VAL E 33 -16.41 45.24 -16.97
CA VAL E 33 -16.46 44.01 -16.20
C VAL E 33 -17.93 43.65 -16.01
N GLU E 34 -18.45 42.78 -16.88
CA GLU E 34 -19.85 42.33 -16.81
C GLU E 34 -19.96 41.47 -15.57
N PRO E 35 -20.98 41.72 -14.73
CA PRO E 35 -21.14 40.92 -13.51
C PRO E 35 -21.74 39.51 -13.63
N ILE E 36 -21.11 38.59 -12.91
CA ILE E 36 -21.53 37.20 -12.85
C ILE E 36 -22.49 37.04 -11.67
N ALA E 37 -23.48 36.17 -11.81
CA ALA E 37 -24.43 35.89 -10.73
C ALA E 37 -23.83 34.65 -10.05
N SER E 38 -24.58 33.94 -9.24
CA SER E 38 -24.01 32.78 -8.55
C SER E 38 -23.64 31.53 -9.34
N GLY E 39 -24.63 30.84 -9.89
CA GLY E 39 -24.31 29.62 -10.61
C GLY E 39 -23.29 29.72 -11.73
N GLN E 40 -23.12 30.92 -12.27
CA GLN E 40 -22.23 31.17 -13.40
C GLN E 40 -20.72 30.90 -13.38
N GLY E 41 -20.22 30.08 -12.47
CA GLY E 41 -18.80 29.80 -12.48
C GLY E 41 -18.47 28.71 -13.48
N LYS E 42 -17.23 28.64 -13.94
CA LYS E 42 -16.82 27.61 -14.89
C LYS E 42 -16.70 26.29 -14.13
N ALA E 43 -17.13 25.21 -14.75
CA ALA E 43 -17.02 23.91 -14.10
C ALA E 43 -15.69 23.35 -14.57
N ILE E 44 -14.94 22.72 -13.67
CA ILE E 44 -13.66 22.15 -14.04
C ILE E 44 -13.90 20.73 -14.57
N LYS E 45 -13.48 20.47 -15.81
CA LYS E 45 -13.65 19.14 -16.38
C LYS E 45 -12.57 18.22 -15.78
N ALA E 46 -12.86 16.93 -15.73
CA ALA E 46 -11.95 15.94 -15.16
C ALA E 46 -10.91 15.54 -16.17
N TRP E 47 -10.05 14.62 -15.80
CA TRP E 47 -9.02 14.15 -16.71
C TRP E 47 -9.51 13.00 -17.54
N THR E 48 -9.07 12.96 -18.80
CA THR E 48 -9.46 11.88 -19.67
C THR E 48 -9.08 10.57 -19.00
N GLY E 49 -10.07 9.75 -18.71
CA GLY E 49 -9.82 8.47 -18.04
C GLY E 49 -10.10 8.56 -16.55
N TYR E 50 -10.62 9.71 -16.13
CA TYR E 50 -10.95 9.96 -14.73
C TYR E 50 -12.41 10.39 -14.65
N SER E 51 -12.91 10.43 -13.42
CA SER E 51 -14.25 10.91 -13.13
C SER E 51 -14.22 11.34 -11.66
N VAL E 52 -15.09 12.26 -11.32
CA VAL E 52 -15.18 12.82 -9.98
C VAL E 52 -16.37 12.27 -9.21
N SER E 53 -16.11 11.80 -8.00
CA SER E 53 -17.15 11.27 -7.12
C SER E 53 -17.26 12.27 -5.99
N LYS E 54 -18.47 12.52 -5.54
CA LYS E 54 -18.68 13.47 -4.47
C LYS E 54 -19.53 12.90 -3.38
N TRP E 55 -19.14 13.18 -2.14
CA TRP E 55 -19.92 12.73 -1.00
C TRP E 55 -19.98 13.84 0.01
N THR E 56 -20.96 13.73 0.89
CA THR E 56 -21.19 14.72 1.92
C THR E 56 -20.79 14.17 3.28
N ALA E 57 -20.24 15.03 4.13
CA ALA E 57 -19.84 14.65 5.47
C ALA E 57 -20.39 15.68 6.46
N SER E 58 -21.45 15.29 7.15
CA SER E 58 -22.12 16.13 8.13
C SER E 58 -21.18 16.30 9.33
N CYS E 59 -21.21 17.47 9.95
CA CYS E 59 -20.29 17.73 11.04
C CYS E 59 -20.81 17.75 12.45
N ALA E 60 -20.19 16.96 13.32
CA ALA E 60 -20.57 16.90 14.73
C ALA E 60 -20.41 18.26 15.44
N ALA E 61 -21.07 18.39 16.58
CA ALA E 61 -21.06 19.61 17.37
C ALA E 61 -19.81 19.76 18.22
N ALA E 62 -19.47 21.00 18.55
CA ALA E 62 -18.31 21.33 19.37
C ALA E 62 -18.38 22.80 19.80
N GLU E 63 -17.64 23.17 20.84
CA GLU E 63 -17.64 24.54 21.32
C GLU E 63 -16.77 25.41 20.43
N ALA E 64 -16.88 26.71 20.65
CA ALA E 64 -16.14 27.70 19.89
C ALA E 64 -14.62 27.56 19.94
N LYS E 65 -13.99 27.91 18.83
CA LYS E 65 -12.54 27.87 18.69
C LYS E 65 -11.90 26.50 18.86
N VAL E 66 -12.66 25.48 18.49
CA VAL E 66 -12.21 24.12 18.57
C VAL E 66 -12.13 23.55 17.16
N THR E 67 -11.04 22.85 16.88
CA THR E 67 -10.85 22.22 15.59
C THR E 67 -11.29 20.78 15.79
N SER E 68 -12.20 20.32 14.95
CA SER E 68 -12.70 18.98 15.06
C SER E 68 -12.10 18.16 13.92
N ALA E 69 -12.20 16.85 14.02
CA ALA E 69 -11.68 15.96 12.99
C ALA E 69 -12.83 15.18 12.41
N ILE E 70 -12.80 14.99 11.10
CA ILE E 70 -13.84 14.27 10.39
C ILE E 70 -13.15 13.25 9.53
N THR E 71 -13.48 11.98 9.73
CA THR E 71 -12.87 10.91 8.98
C THR E 71 -13.48 10.80 7.60
N ILE E 72 -12.62 10.72 6.60
CA ILE E 72 -13.08 10.62 5.23
C ILE E 72 -13.56 9.20 5.06
N SER E 73 -14.86 9.04 4.90
CA SER E 73 -15.44 7.72 4.70
C SER E 73 -15.79 7.54 3.23
N LEU E 74 -15.33 6.42 2.67
CA LEU E 74 -15.58 6.12 1.28
C LEU E 74 -17.01 5.72 0.99
N PRO E 75 -17.60 6.34 -0.04
CA PRO E 75 -18.98 5.99 -0.38
C PRO E 75 -18.94 4.62 -1.05
N ASN E 76 -20.03 3.89 -0.93
CA ASN E 76 -20.16 2.55 -1.46
C ASN E 76 -19.64 2.11 -2.82
N GLU E 77 -19.89 2.86 -3.91
CA GLU E 77 -19.36 2.43 -5.22
C GLU E 77 -17.86 2.18 -5.08
N LEU E 78 -17.20 3.16 -4.47
CA LEU E 78 -15.77 3.17 -4.23
C LEU E 78 -15.37 2.42 -2.98
N SER E 79 -15.92 1.25 -2.75
CA SER E 79 -15.58 0.54 -1.53
C SER E 79 -15.18 -0.92 -1.71
N SER E 80 -15.59 -1.50 -2.83
CA SER E 80 -15.26 -2.89 -3.14
C SER E 80 -13.76 -2.83 -3.32
N GLU E 81 -13.08 -3.96 -3.23
CA GLU E 81 -11.64 -3.86 -3.37
C GLU E 81 -11.09 -3.40 -4.70
N ARG E 82 -11.74 -3.79 -5.79
CA ARG E 82 -11.28 -3.34 -7.09
C ARG E 82 -11.38 -1.81 -7.04
N ASN E 83 -12.55 -1.30 -6.69
CA ASN E 83 -12.81 0.14 -6.62
C ASN E 83 -11.98 0.93 -5.66
N LYS E 84 -11.60 0.27 -4.57
CA LYS E 84 -10.81 0.87 -3.50
C LYS E 84 -9.42 1.27 -3.95
N GLN E 85 -8.93 0.70 -5.06
CA GLN E 85 -7.59 1.03 -5.50
C GLN E 85 -7.43 2.01 -6.64
N LEU E 86 -8.49 2.71 -7.00
CA LEU E 86 -8.38 3.69 -8.07
C LEU E 86 -7.45 4.75 -7.54
N LYS E 87 -6.65 5.33 -8.41
CA LYS E 87 -5.74 6.37 -7.97
C LYS E 87 -6.41 7.72 -8.01
N VAL E 88 -6.00 8.58 -7.08
CA VAL E 88 -6.56 9.90 -6.93
C VAL E 88 -5.87 10.95 -7.80
N GLY E 89 -6.66 11.89 -8.27
CA GLY E 89 -6.14 12.98 -9.08
C GLY E 89 -6.30 14.19 -8.20
N ARG E 90 -6.93 15.23 -8.74
CA ARG E 90 -7.17 16.43 -7.95
C ARG E 90 -8.39 16.29 -7.03
N VAL E 91 -8.30 16.93 -5.87
CA VAL E 91 -9.35 16.90 -4.85
C VAL E 91 -9.86 18.31 -4.53
N LEU E 92 -11.18 18.48 -4.43
CA LEU E 92 -11.80 19.77 -4.13
C LEU E 92 -12.66 19.74 -2.87
N LEU E 93 -12.48 20.73 -2.01
CA LEU E 93 -13.22 20.84 -0.77
C LEU E 93 -14.10 22.07 -0.73
N TRP E 94 -15.38 21.79 -0.55
CA TRP E 94 -16.49 22.72 -0.47
C TRP E 94 -16.81 22.88 0.99
N LEU E 95 -17.72 23.80 1.27
CA LEU E 95 -18.16 24.01 2.64
C LEU E 95 -19.55 24.63 2.61
N GLY E 96 -20.57 23.78 2.71
CA GLY E 96 -21.93 24.26 2.67
C GLY E 96 -22.59 24.49 4.00
N LEU E 97 -22.23 25.57 4.68
CA LEU E 97 -22.85 25.88 5.98
C LEU E 97 -24.23 26.54 5.84
N LEU E 98 -25.16 26.15 6.71
CA LEU E 98 -26.54 26.69 6.68
C LEU E 98 -26.69 28.20 7.01
N PRO E 99 -27.73 28.86 6.51
CA PRO E 99 -28.09 30.29 6.67
C PRO E 99 -27.98 31.00 8.01
N SER E 100 -28.09 30.27 9.13
CA SER E 100 -28.04 30.92 10.43
C SER E 100 -26.69 30.87 11.14
N VAL E 101 -25.65 30.45 10.42
CA VAL E 101 -24.31 30.38 11.00
C VAL E 101 -23.78 31.82 10.98
N SER E 102 -22.71 32.07 11.73
CA SER E 102 -22.23 33.44 11.83
C SER E 102 -20.73 33.66 11.91
N GLY E 103 -20.06 32.89 12.76
CA GLY E 103 -18.63 33.05 12.92
C GLY E 103 -17.89 32.61 11.69
N THR E 104 -16.57 32.71 11.77
CA THR E 104 -15.71 32.29 10.69
C THR E 104 -15.60 30.77 10.78
N VAL E 105 -15.58 30.11 9.64
CA VAL E 105 -15.48 28.66 9.58
C VAL E 105 -14.32 28.34 8.63
N LYS E 106 -13.52 27.33 8.97
CA LYS E 106 -12.37 26.95 8.17
C LYS E 106 -12.18 25.44 8.07
N SER E 107 -11.66 24.99 6.94
CA SER E 107 -11.43 23.58 6.70
C SER E 107 -10.22 23.37 5.81
N CYS E 108 -9.77 22.13 5.79
CA CYS E 108 -8.63 21.70 4.98
C CYS E 108 -8.58 20.19 5.09
N VAL E 109 -7.93 19.57 4.11
CA VAL E 109 -7.77 18.13 4.10
C VAL E 109 -6.27 17.99 4.11
N THR E 110 -5.73 17.55 5.24
CA THR E 110 -4.29 17.37 5.35
C THR E 110 -4.03 15.96 5.80
N GLU E 111 -2.76 15.65 6.01
CA GLU E 111 -2.40 14.34 6.47
C GLU E 111 -2.76 14.37 7.94
N THR E 112 -3.38 13.29 8.40
CA THR E 112 -3.82 13.14 9.78
C THR E 112 -2.81 13.72 10.76
N GLN E 113 -3.10 14.93 11.21
CA GLN E 113 -2.27 15.70 12.14
C GLN E 113 -2.47 15.19 13.58
N THR E 114 -1.43 15.37 14.41
CA THR E 114 -1.45 14.94 15.82
C THR E 114 -2.18 15.91 16.75
N THR E 115 -2.30 17.14 16.28
CA THR E 115 -2.99 18.20 16.98
C THR E 115 -3.85 18.78 15.87
N ALA E 116 -5.16 18.61 15.99
CA ALA E 116 -6.10 19.05 14.97
C ALA E 116 -5.82 20.43 14.41
N ALA E 117 -5.48 21.37 15.30
CA ALA E 117 -5.22 22.74 14.90
C ALA E 117 -3.97 23.01 14.07
N ALA E 118 -3.11 22.01 13.89
CA ALA E 118 -1.90 22.22 13.13
C ALA E 118 -2.14 22.00 11.64
N SER E 119 -3.27 21.39 11.32
CA SER E 119 -3.66 21.11 9.95
C SER E 119 -3.54 22.42 9.19
N PHE E 120 -4.06 23.47 9.81
CA PHE E 120 -4.06 24.81 9.25
C PHE E 120 -2.70 25.44 9.04
N GLN E 121 -1.67 24.92 9.71
CA GLN E 121 -0.33 25.45 9.56
C GLN E 121 0.39 24.71 8.44
N VAL E 122 -0.21 23.64 7.94
CA VAL E 122 0.40 22.86 6.89
C VAL E 122 -0.47 22.72 5.64
N ALA E 123 -1.67 23.27 5.70
CA ALA E 123 -2.58 23.19 4.58
C ALA E 123 -2.08 23.99 3.38
N LEU E 124 -2.03 23.34 2.21
CA LEU E 124 -1.60 24.01 1.00
C LEU E 124 -2.78 24.77 0.43
N ALA E 125 -3.92 24.66 1.13
CA ALA E 125 -5.16 25.33 0.75
C ALA E 125 -6.16 25.19 1.88
N VAL E 126 -6.79 26.30 2.23
CA VAL E 126 -7.77 26.31 3.30
C VAL E 126 -9.07 26.94 2.83
N ALA E 127 -10.19 26.35 3.21
CA ALA E 127 -11.51 26.85 2.87
C ALA E 127 -11.97 27.71 4.05
N ASP E 128 -11.80 29.01 3.88
CA ASP E 128 -12.16 30.02 4.86
C ASP E 128 -13.46 30.62 4.32
N ASN E 129 -14.45 30.83 5.18
CA ASN E 129 -15.71 31.37 4.72
C ASN E 129 -15.69 32.89 4.76
N SER E 130 -14.54 33.43 5.13
CA SER E 130 -14.33 34.85 5.21
C SER E 130 -14.13 35.40 3.80
N LYS E 131 -13.76 34.52 2.87
CA LYS E 131 -13.51 34.90 1.48
C LYS E 131 -14.66 34.53 0.52
N ASP E 132 -14.72 35.20 -0.62
CA ASP E 132 -15.78 35.00 -1.64
C ASP E 132 -16.17 33.59 -2.02
N VAL E 133 -15.18 32.74 -2.23
CA VAL E 133 -15.41 31.35 -2.57
C VAL E 133 -15.00 30.53 -1.36
N VAL E 134 -15.85 29.60 -0.97
CA VAL E 134 -15.58 28.78 0.18
C VAL E 134 -15.13 27.38 -0.25
N ALA E 135 -14.03 27.33 -0.98
CA ALA E 135 -13.52 26.06 -1.43
C ALA E 135 -12.01 25.96 -1.43
N ALA E 136 -11.51 24.74 -1.49
CA ALA E 136 -10.09 24.48 -1.49
C ALA E 136 -9.82 23.45 -2.56
N MET E 137 -8.79 23.65 -3.35
CA MET E 137 -8.48 22.64 -4.34
C MET E 137 -7.10 22.10 -4.09
N TYR E 138 -6.85 20.90 -4.59
CA TYR E 138 -5.57 20.27 -4.34
C TYR E 138 -4.96 19.66 -5.58
N PRO E 139 -4.50 20.52 -6.49
CA PRO E 139 -3.87 20.02 -7.71
C PRO E 139 -2.47 19.57 -7.28
N GLU E 140 -1.83 18.70 -8.06
CA GLU E 140 -0.47 18.23 -7.77
C GLU E 140 -0.11 17.75 -6.35
N ALA E 141 -1.06 17.80 -5.43
CA ALA E 141 -0.85 17.31 -4.06
C ALA E 141 -1.79 16.11 -4.06
N PHE E 142 -1.55 15.12 -3.20
CA PHE E 142 -2.42 13.93 -3.15
C PHE E 142 -2.50 13.07 -4.42
N LYS E 143 -1.82 13.47 -5.50
CA LYS E 143 -1.83 12.74 -6.76
C LYS E 143 -1.28 11.32 -6.56
N GLY E 144 -1.76 10.39 -7.38
CA GLY E 144 -1.28 9.02 -7.34
C GLY E 144 -1.55 8.15 -6.13
N ILE E 145 -2.20 8.72 -5.12
CA ILE E 145 -2.53 7.98 -3.92
C ILE E 145 -3.70 7.07 -4.26
N THR E 146 -3.86 6.02 -3.48
CA THR E 146 -4.95 5.07 -3.66
C THR E 146 -6.18 5.61 -2.92
N LEU E 147 -7.36 5.38 -3.50
CA LEU E 147 -8.62 5.84 -2.92
C LEU E 147 -8.76 5.38 -1.47
N GLU E 148 -8.24 4.20 -1.17
CA GLU E 148 -8.26 3.66 0.19
C GLU E 148 -7.26 4.43 1.04
N GLN E 149 -6.13 4.80 0.44
CA GLN E 149 -5.10 5.55 1.14
C GLN E 149 -5.66 6.90 1.55
N LEU E 150 -6.50 7.48 0.69
CA LEU E 150 -7.12 8.75 0.97
C LEU E 150 -7.88 8.56 2.28
N ALA E 151 -8.76 7.57 2.29
CA ALA E 151 -9.57 7.25 3.47
C ALA E 151 -8.75 6.90 4.71
N ALA E 152 -7.54 6.41 4.52
CA ALA E 152 -6.69 6.02 5.63
C ALA E 152 -5.69 7.01 6.24
N ASP E 153 -4.81 7.59 5.42
CA ASP E 153 -3.83 8.53 5.97
C ASP E 153 -4.09 10.03 5.89
N LEU E 154 -5.34 10.40 5.63
CA LEU E 154 -5.73 11.81 5.56
C LEU E 154 -7.04 12.06 6.33
N THR E 155 -7.20 13.26 6.85
CA THR E 155 -8.45 13.62 7.53
C THR E 155 -8.87 15.05 7.24
N ILE E 156 -10.16 15.30 7.43
CA ILE E 156 -10.74 16.62 7.21
C ILE E 156 -10.81 17.29 8.57
N TYR E 157 -10.49 18.58 8.61
CA TYR E 157 -10.55 19.36 9.84
C TYR E 157 -11.47 20.54 9.65
N LEU E 158 -12.28 20.80 10.68
CA LEU E 158 -13.23 21.89 10.64
C LEU E 158 -13.04 22.74 11.87
N TYR E 159 -12.97 24.05 11.68
CA TYR E 159 -12.80 25.00 12.77
C TYR E 159 -13.86 26.08 12.61
N SER E 160 -14.31 26.61 13.73
CA SER E 160 -15.29 27.67 13.74
C SER E 160 -15.09 28.48 15.01
N SER E 161 -15.37 29.77 14.92
CA SER E 161 -15.21 30.67 16.05
C SER E 161 -16.42 30.63 16.99
N ALA E 162 -17.44 29.87 16.60
CA ALA E 162 -18.65 29.75 17.40
C ALA E 162 -19.01 28.28 17.55
N ALA E 163 -19.86 27.98 18.52
CA ALA E 163 -20.27 26.61 18.76
C ALA E 163 -21.14 26.08 17.63
N LEU E 164 -20.93 24.83 17.24
CA LEU E 164 -21.71 24.21 16.17
C LEU E 164 -22.62 23.13 16.76
N THR E 165 -23.70 22.80 16.05
CA THR E 165 -24.64 21.76 16.47
C THR E 165 -24.54 20.69 15.35
N GLU E 166 -24.72 19.40 15.68
CA GLU E 166 -24.57 18.36 14.67
C GLU E 166 -24.74 18.85 13.27
N GLY E 167 -25.96 19.12 12.90
CA GLY E 167 -26.15 19.65 11.60
C GLY E 167 -25.79 20.90 10.83
N ASP E 168 -24.76 21.71 11.16
CA ASP E 168 -24.48 22.82 10.23
C ASP E 168 -23.15 22.45 9.63
N VAL E 169 -22.77 23.14 8.56
CA VAL E 169 -21.49 22.91 7.91
C VAL E 169 -21.29 21.52 7.34
N ILE E 170 -22.13 21.17 6.36
CA ILE E 170 -21.97 19.91 5.66
C ILE E 170 -20.75 20.07 4.76
N VAL E 171 -19.77 19.20 4.97
CA VAL E 171 -18.54 19.22 4.21
C VAL E 171 -18.74 18.41 2.93
N HIS E 172 -18.49 19.04 1.78
CA HIS E 172 -18.60 18.37 0.48
C HIS E 172 -17.18 18.02 0.09
N LEU E 173 -16.96 16.80 -0.34
CA LEU E 173 -15.63 16.37 -0.76
C LEU E 173 -15.83 15.79 -2.16
N GLU E 174 -15.06 16.28 -3.12
CA GLU E 174 -15.14 15.81 -4.49
C GLU E 174 -13.75 15.27 -4.83
N VAL E 175 -13.69 14.01 -5.25
CA VAL E 175 -12.44 13.33 -5.55
C VAL E 175 -12.31 12.76 -6.96
N GLU E 176 -11.19 13.06 -7.62
CA GLU E 176 -10.88 12.60 -8.97
C GLU E 176 -10.21 11.23 -8.87
N HIS E 177 -10.60 10.31 -9.73
CA HIS E 177 -9.98 8.99 -9.76
C HIS E 177 -10.26 8.29 -11.07
N VAL E 178 -9.47 7.25 -11.32
CA VAL E 178 -9.59 6.47 -12.52
C VAL E 178 -11.01 5.93 -12.61
N ARG E 179 -11.65 6.18 -13.74
CA ARG E 179 -13.02 5.72 -14.00
C ARG E 179 -12.95 4.20 -13.79
N PRO E 180 -13.65 3.69 -12.76
CA PRO E 180 -13.67 2.26 -12.45
C PRO E 180 -14.18 1.31 -13.53
N THR E 181 -13.39 0.27 -13.77
CA THR E 181 -13.64 -0.78 -14.75
C THR E 181 -14.82 -1.66 -14.32
N PHE E 182 -14.98 -1.70 -13.00
CA PHE E 182 -15.99 -2.49 -12.29
C PHE E 182 -17.43 -2.34 -12.66
N ASP E 183 -17.95 -1.16 -12.44
CA ASP E 183 -19.34 -0.87 -12.67
C ASP E 183 -19.63 -0.63 -14.13
N ASP E 184 -19.27 -1.65 -14.89
CA ASP E 184 -19.41 -1.74 -16.34
C ASP E 184 -19.83 -3.19 -16.58
N SER E 185 -20.25 -3.85 -15.50
CA SER E 185 -20.68 -5.24 -15.55
C SER E 185 -21.47 -5.59 -14.30
N PHE E 186 -22.32 -6.60 -14.42
CA PHE E 186 -23.14 -7.05 -13.32
C PHE E 186 -22.37 -8.13 -12.56
N THR E 187 -22.84 -8.42 -11.35
CA THR E 187 -22.27 -9.46 -10.52
C THR E 187 -22.80 -10.77 -11.14
N PRO E 188 -21.90 -11.73 -11.41
CA PRO E 188 -22.31 -13.00 -12.01
C PRO E 188 -23.35 -13.89 -11.30
N VAL E 189 -24.00 -14.73 -12.10
CA VAL E 189 -25.04 -15.62 -11.61
C VAL E 189 -24.82 -17.13 -11.74
N TYR E 190 -25.36 -17.78 -10.72
CA TYR E 190 -25.40 -19.22 -10.43
C TYR E 190 -25.19 -19.20 -8.92
N VAL F 27 46.22 -17.24 -30.03
CA VAL F 27 47.02 -16.02 -29.72
C VAL F 27 46.87 -15.82 -28.22
N VAL F 28 47.93 -15.35 -27.57
CA VAL F 28 47.87 -15.15 -26.14
C VAL F 28 48.11 -13.69 -25.88
N GLN F 29 47.06 -12.96 -25.49
CA GLN F 29 47.25 -11.55 -25.23
C GLN F 29 47.86 -11.31 -23.87
N PRO F 30 49.02 -10.64 -23.86
CA PRO F 30 49.68 -10.37 -22.59
C PRO F 30 48.91 -9.19 -22.01
N VAL F 31 48.55 -9.33 -20.75
CA VAL F 31 47.80 -8.33 -20.03
C VAL F 31 48.60 -7.90 -18.82
N ILE F 32 48.42 -6.65 -18.44
CA ILE F 32 49.09 -6.07 -17.27
C ILE F 32 47.94 -5.60 -16.42
N VAL F 33 47.94 -5.96 -15.15
CA VAL F 33 46.86 -5.54 -14.27
C VAL F 33 47.28 -4.31 -13.45
N GLU F 34 46.90 -3.12 -13.94
CA GLU F 34 47.20 -1.87 -13.25
C GLU F 34 46.41 -1.89 -11.96
N PRO F 35 47.08 -1.67 -10.81
CA PRO F 35 46.38 -1.69 -9.52
C PRO F 35 45.62 -0.41 -9.17
N ILE F 36 44.40 -0.62 -8.70
CA ILE F 36 43.45 0.41 -8.30
C ILE F 36 43.58 0.75 -6.81
N ALA F 37 43.31 2.01 -6.48
CA ALA F 37 43.34 2.47 -5.09
C ALA F 37 41.87 2.46 -4.66
N SER F 38 41.63 2.45 -3.35
CA SER F 38 40.28 2.38 -2.76
C SER F 38 39.10 3.08 -3.46
N GLY F 39 39.10 4.41 -3.44
CA GLY F 39 38.00 5.16 -4.01
C GLY F 39 37.78 5.07 -5.50
N GLN F 40 38.64 4.32 -6.19
CA GLN F 40 38.57 4.21 -7.64
C GLN F 40 37.60 3.21 -8.28
N GLY F 41 36.55 2.83 -7.59
CA GLY F 41 35.62 1.90 -8.20
C GLY F 41 34.71 2.65 -9.16
N LYS F 42 34.04 1.93 -10.06
CA LYS F 42 33.11 2.56 -10.97
C LYS F 42 31.91 2.95 -10.11
N ALA F 43 31.42 4.17 -10.26
CA ALA F 43 30.26 4.55 -9.49
C ALA F 43 29.12 4.09 -10.37
N ILE F 44 28.03 3.59 -9.79
CA ILE F 44 26.92 3.15 -10.62
C ILE F 44 25.96 4.33 -10.78
N LYS F 45 25.74 4.75 -12.02
CA LYS F 45 24.81 5.85 -12.28
C LYS F 45 23.41 5.29 -12.07
N ALA F 46 22.48 6.16 -11.72
CA ALA F 46 21.10 5.77 -11.49
C ALA F 46 20.34 5.68 -12.81
N TRP F 47 19.07 5.34 -12.73
CA TRP F 47 18.27 5.22 -13.92
C TRP F 47 17.70 6.55 -14.37
N THR F 48 17.74 6.78 -15.68
CA THR F 48 17.22 8.02 -16.22
C THR F 48 15.85 8.25 -15.59
N GLY F 49 15.77 9.28 -14.75
CA GLY F 49 14.50 9.58 -14.11
C GLY F 49 14.31 8.89 -12.78
N TYR F 50 15.42 8.57 -12.15
CA TYR F 50 15.42 7.92 -10.84
C TYR F 50 16.53 8.69 -10.13
N SER F 51 16.65 8.53 -8.82
CA SER F 51 17.72 9.18 -8.11
C SER F 51 17.96 8.43 -6.81
N VAL F 52 19.23 8.24 -6.50
CA VAL F 52 19.63 7.52 -5.30
C VAL F 52 19.68 8.46 -4.13
N SER F 53 19.14 8.02 -3.00
CA SER F 53 19.15 8.79 -1.77
C SER F 53 19.71 7.83 -0.75
N LYS F 54 20.48 8.35 0.19
CA LYS F 54 21.11 7.46 1.14
C LYS F 54 21.01 7.89 2.58
N TRP F 55 20.69 6.94 3.45
CA TRP F 55 20.64 7.23 4.87
C TRP F 55 21.49 6.26 5.65
N THR F 56 21.68 6.59 6.91
CA THR F 56 22.52 5.80 7.79
C THR F 56 21.74 5.34 9.02
N ALA F 57 22.01 4.12 9.45
CA ALA F 57 21.35 3.55 10.62
C ALA F 57 22.42 3.08 11.56
N SER F 58 22.51 3.73 12.71
CA SER F 58 23.48 3.38 13.73
C SER F 58 23.00 2.11 14.39
N CYS F 59 23.94 1.27 14.81
CA CYS F 59 23.60 -0.02 15.38
C CYS F 59 23.26 -0.05 16.85
N ALA F 60 22.69 -1.19 17.23
CA ALA F 60 22.31 -1.44 18.61
C ALA F 60 23.47 -2.19 19.25
N ALA F 61 23.43 -2.32 20.56
CA ALA F 61 24.44 -3.04 21.30
C ALA F 61 23.92 -4.47 21.43
N ALA F 62 24.82 -5.45 21.37
CA ALA F 62 24.41 -6.84 21.47
C ALA F 62 25.58 -7.73 21.87
N GLU F 63 25.29 -8.85 22.51
CA GLU F 63 26.37 -9.76 22.90
C GLU F 63 26.74 -10.53 21.66
N ALA F 64 27.94 -11.10 21.70
CA ALA F 64 28.47 -11.85 20.59
C ALA F 64 27.54 -12.91 19.99
N LYS F 65 27.57 -13.03 18.67
CA LYS F 65 26.78 -14.00 17.92
C LYS F 65 25.27 -13.80 17.97
N VAL F 66 24.87 -12.57 18.16
CA VAL F 66 23.46 -12.23 18.22
C VAL F 66 23.14 -11.42 16.98
N THR F 67 22.08 -11.82 16.30
CA THR F 67 21.63 -11.13 15.12
C THR F 67 20.62 -10.11 15.58
N SER F 68 20.88 -8.86 15.26
CA SER F 68 20.01 -7.78 15.65
C SER F 68 19.20 -7.35 14.45
N ALA F 69 18.03 -6.78 14.70
CA ALA F 69 17.19 -6.30 13.63
C ALA F 69 17.21 -4.77 13.66
N ILE F 70 17.15 -4.16 12.49
CA ILE F 70 17.15 -2.70 12.38
C ILE F 70 16.04 -2.36 11.41
N THR F 71 15.20 -1.42 11.79
CA THR F 71 14.11 -1.03 10.93
C THR F 71 14.51 0.08 9.99
N ILE F 72 14.08 -0.07 8.75
CA ILE F 72 14.39 0.90 7.73
C ILE F 72 13.48 2.09 7.96
N SER F 73 14.10 3.21 8.31
CA SER F 73 13.36 4.43 8.55
C SER F 73 13.59 5.33 7.35
N LEU F 74 12.51 5.90 6.85
CA LEU F 74 12.59 6.78 5.72
C LEU F 74 13.13 8.12 6.17
N PRO F 75 13.81 8.83 5.27
CA PRO F 75 14.34 10.14 5.65
C PRO F 75 13.11 11.06 5.65
N ASN F 76 13.30 12.37 5.56
CA ASN F 76 12.15 13.25 5.62
C ASN F 76 11.48 13.69 4.35
N GLU F 77 12.27 14.11 3.37
CA GLU F 77 11.76 14.57 2.09
C GLU F 77 10.88 13.45 1.55
N LEU F 78 11.39 12.24 1.69
CA LEU F 78 10.72 11.04 1.26
C LEU F 78 9.85 10.59 2.42
N SER F 79 8.74 11.28 2.62
CA SER F 79 7.85 10.95 3.72
C SER F 79 6.47 11.52 3.52
N SER F 80 6.36 12.54 2.67
CA SER F 80 5.06 13.10 2.40
C SER F 80 4.35 12.02 1.62
N GLU F 81 3.03 12.02 1.70
CA GLU F 81 2.23 11.05 1.03
C GLU F 81 2.51 10.87 -0.46
N ARG F 82 2.92 11.95 -1.11
CA ARG F 82 3.22 11.81 -2.53
C ARG F 82 4.61 11.18 -2.62
N ASN F 83 5.55 11.71 -1.86
CA ASN F 83 6.92 11.20 -1.89
C ASN F 83 7.09 9.78 -1.38
N LYS F 84 6.08 9.28 -0.67
CA LYS F 84 6.08 7.93 -0.12
C LYS F 84 5.71 6.87 -1.12
N GLN F 85 4.82 7.23 -2.03
CA GLN F 85 4.32 6.33 -3.05
C GLN F 85 5.31 6.12 -4.17
N LEU F 86 6.53 6.62 -3.99
CA LEU F 86 7.57 6.50 -5.02
C LEU F 86 7.99 5.06 -5.23
N LYS F 87 8.45 4.74 -6.43
CA LYS F 87 8.88 3.39 -6.73
C LYS F 87 10.35 3.15 -6.57
N VAL F 88 10.67 1.98 -6.07
CA VAL F 88 12.07 1.62 -5.79
C VAL F 88 12.74 0.82 -6.89
N GLY F 89 14.07 0.68 -6.85
CA GLY F 89 14.62 -0.03 -7.96
C GLY F 89 16.11 -0.15 -8.13
N ARG F 90 16.76 -0.52 -7.04
CA ARG F 90 18.16 -0.87 -6.86
C ARG F 90 18.51 -0.43 -5.46
N VAL F 91 18.81 -1.41 -4.62
CA VAL F 91 19.18 -1.15 -3.25
C VAL F 91 20.60 -1.65 -2.99
N LEU F 92 21.45 -0.79 -2.43
CA LEU F 92 22.83 -1.15 -2.13
C LEU F 92 23.10 -1.05 -0.64
N LEU F 93 23.64 -2.12 -0.08
CA LEU F 93 23.96 -2.17 1.34
C LEU F 93 25.45 -2.11 1.62
N TRP F 94 25.78 -1.08 2.38
CA TRP F 94 27.08 -0.70 2.83
C TRP F 94 27.20 -1.14 4.28
N LEU F 95 28.41 -1.12 4.79
CA LEU F 95 28.62 -1.46 6.18
C LEU F 95 29.92 -0.80 6.62
N GLY F 96 29.77 0.34 7.27
CA GLY F 96 30.93 1.08 7.72
C GLY F 96 31.22 0.84 9.19
N LEU F 97 31.90 -0.27 9.47
CA LEU F 97 32.26 -0.58 10.85
C LEU F 97 33.50 0.26 11.20
N LEU F 98 33.69 0.58 12.48
CA LEU F 98 34.83 1.40 12.89
C LEU F 98 36.19 0.66 12.96
N PRO F 99 37.31 1.39 12.84
CA PRO F 99 38.71 0.90 12.86
C PRO F 99 39.17 -0.15 13.86
N SER F 100 38.58 -0.20 15.05
CA SER F 100 39.01 -1.16 16.06
C SER F 100 38.18 -2.44 16.18
N VAL F 101 37.15 -2.59 15.35
CA VAL F 101 36.33 -3.79 15.40
C VAL F 101 37.17 -4.97 14.89
N SER F 102 36.83 -6.17 15.34
CA SER F 102 37.61 -7.35 15.01
C SER F 102 36.93 -8.55 14.37
N GLY F 103 35.87 -9.03 15.01
CA GLY F 103 35.17 -10.19 14.50
C GLY F 103 34.54 -9.97 13.14
N THR F 104 33.88 -11.01 12.67
CA THR F 104 33.19 -10.96 11.42
C THR F 104 31.86 -10.23 11.66
N VAL F 105 31.46 -9.42 10.70
CA VAL F 105 30.22 -8.66 10.78
C VAL F 105 29.49 -8.93 9.46
N LYS F 106 28.19 -9.12 9.55
CA LYS F 106 27.38 -9.41 8.37
C LYS F 106 26.02 -8.72 8.40
N SER F 107 25.49 -8.49 7.21
CA SER F 107 24.19 -7.85 7.06
C SER F 107 23.50 -8.33 5.79
N CYS F 108 22.21 -8.11 5.74
CA CYS F 108 21.41 -8.46 4.60
C CYS F 108 20.09 -7.75 4.79
N VAL F 109 19.50 -7.35 3.68
CA VAL F 109 18.22 -6.68 3.73
C VAL F 109 17.34 -7.76 3.16
N THR F 110 16.52 -8.35 4.01
CA THR F 110 15.62 -9.38 3.57
C THR F 110 14.24 -9.04 4.03
N GLU F 111 13.33 -9.99 3.89
CA GLU F 111 11.98 -9.76 4.31
C GLU F 111 11.95 -10.12 5.78
N THR F 112 11.14 -9.39 6.52
CA THR F 112 10.99 -9.59 7.95
C THR F 112 10.93 -11.07 8.32
N GLN F 113 12.07 -11.56 8.83
CA GLN F 113 12.25 -12.96 9.23
C GLN F 113 11.70 -13.30 10.61
N THR F 114 11.36 -14.55 10.86
CA THR F 114 10.75 -14.94 12.16
C THR F 114 11.63 -15.46 13.34
N THR F 115 12.87 -15.77 12.96
CA THR F 115 13.95 -15.87 13.94
C THR F 115 14.77 -14.95 13.06
N ALA F 116 15.52 -14.04 13.64
CA ALA F 116 16.31 -13.09 12.87
C ALA F 116 17.44 -13.68 12.01
N ALA F 117 18.19 -14.60 12.59
CA ALA F 117 19.32 -15.25 11.95
C ALA F 117 19.01 -15.85 10.58
N ALA F 118 17.80 -16.35 10.41
CA ALA F 118 17.42 -16.96 9.15
C ALA F 118 17.52 -16.03 7.94
N SER F 119 17.59 -14.73 8.18
CA SER F 119 17.71 -13.78 7.09
C SER F 119 18.87 -14.23 6.21
N PHE F 120 19.97 -14.55 6.86
CA PHE F 120 21.19 -14.98 6.20
C PHE F 120 21.11 -16.28 5.40
N GLN F 121 20.02 -17.01 5.55
CA GLN F 121 19.85 -18.27 4.84
C GLN F 121 19.03 -18.11 3.58
N VAL F 122 18.44 -16.92 3.39
CA VAL F 122 17.62 -16.67 2.22
C VAL F 122 18.21 -15.53 1.40
N ALA F 123 18.88 -14.61 2.10
CA ALA F 123 19.50 -13.43 1.50
C ALA F 123 20.20 -13.67 0.16
N LEU F 124 19.78 -12.91 -0.84
CA LEU F 124 20.35 -13.01 -2.17
C LEU F 124 21.73 -12.37 -2.24
N ALA F 125 22.13 -11.73 -1.14
CA ALA F 125 23.41 -11.06 -1.04
C ALA F 125 23.66 -10.65 0.41
N VAL F 126 24.85 -10.91 0.90
CA VAL F 126 25.17 -10.59 2.28
C VAL F 126 26.47 -9.82 2.35
N ALA F 127 26.44 -8.68 3.04
CA ALA F 127 27.64 -7.86 3.23
C ALA F 127 28.40 -8.49 4.37
N ASP F 128 29.57 -9.03 4.05
CA ASP F 128 30.46 -9.70 5.00
C ASP F 128 31.75 -8.90 4.98
N ASN F 129 32.24 -8.52 6.16
CA ASN F 129 33.48 -7.73 6.24
C ASN F 129 34.69 -8.65 6.08
N SER F 130 34.42 -9.94 5.95
CA SER F 130 35.46 -10.94 5.78
C SER F 130 35.96 -10.89 4.33
N LYS F 131 35.18 -10.26 3.45
CA LYS F 131 35.56 -10.16 2.05
C LYS F 131 36.02 -8.75 1.63
N ASP F 132 36.72 -8.66 0.51
CA ASP F 132 37.27 -7.40 -0.01
C ASP F 132 36.36 -6.20 -0.12
N VAL F 133 35.11 -6.46 -0.41
CA VAL F 133 34.11 -5.43 -0.51
C VAL F 133 32.99 -5.82 0.45
N VAL F 134 32.75 -4.94 1.40
CA VAL F 134 31.71 -5.13 2.39
C VAL F 134 30.47 -4.47 1.80
N ALA F 135 29.79 -5.18 0.90
CA ALA F 135 28.63 -4.61 0.27
C ALA F 135 27.61 -5.65 -0.08
N ALA F 136 26.48 -5.19 -0.57
CA ALA F 136 25.41 -6.06 -0.97
C ALA F 136 24.65 -5.23 -1.98
N MET F 137 24.25 -5.84 -3.08
CA MET F 137 23.50 -5.08 -4.06
C MET F 137 22.25 -5.87 -4.33
N TYR F 138 21.16 -5.17 -4.56
CA TYR F 138 19.92 -5.86 -4.80
C TYR F 138 19.22 -5.43 -6.07
N PRO F 139 19.85 -5.72 -7.22
CA PRO F 139 19.20 -5.33 -8.48
C PRO F 139 18.18 -6.45 -8.63
N GLU F 140 17.01 -6.18 -9.22
CA GLU F 140 15.99 -7.23 -9.38
C GLU F 140 15.75 -8.01 -8.09
N ALA F 141 15.20 -7.37 -7.07
CA ALA F 141 14.93 -8.06 -5.81
C ALA F 141 13.90 -7.30 -5.02
N PHE F 142 13.95 -5.97 -5.14
CA PHE F 142 13.01 -5.07 -4.46
C PHE F 142 12.49 -4.04 -5.46
N LYS F 143 12.43 -4.42 -6.74
CA LYS F 143 11.96 -3.53 -7.79
C LYS F 143 10.45 -3.30 -7.70
N GLY F 144 10.03 -2.16 -8.23
CA GLY F 144 8.61 -1.82 -8.25
C GLY F 144 7.90 -1.69 -6.92
N ILE F 145 8.65 -1.69 -5.84
CA ILE F 145 8.05 -1.56 -4.52
C ILE F 145 7.92 -0.09 -4.18
N THR F 146 6.93 0.21 -3.35
CA THR F 146 6.68 1.57 -2.88
C THR F 146 7.68 1.87 -1.78
N LEU F 147 8.20 3.09 -1.76
CA LEU F 147 9.17 3.52 -0.76
C LEU F 147 8.64 3.20 0.64
N GLU F 148 7.33 3.33 0.82
CA GLU F 148 6.65 3.04 2.10
C GLU F 148 6.63 1.53 2.32
N GLN F 149 6.47 0.80 1.22
CA GLN F 149 6.45 -0.65 1.23
C GLN F 149 7.82 -1.16 1.69
N LEU F 150 8.87 -0.50 1.21
CA LEU F 150 10.24 -0.86 1.59
C LEU F 150 10.34 -0.69 3.10
N ALA F 151 9.83 0.44 3.57
CA ALA F 151 9.84 0.76 4.99
C ALA F 151 9.06 -0.26 5.82
N ALA F 152 8.16 -1.01 5.19
CA ALA F 152 7.33 -1.95 5.93
C ALA F 152 7.56 -3.45 5.87
N ASP F 153 7.68 -4.04 4.69
CA ASP F 153 7.87 -5.50 4.66
C ASP F 153 9.28 -6.08 4.65
N LEU F 154 10.27 -5.22 4.87
CA LEU F 154 11.67 -5.64 4.92
C LEU F 154 12.37 -5.07 6.15
N THR F 155 13.44 -5.74 6.56
CA THR F 155 14.25 -5.29 7.68
C THR F 155 15.72 -5.58 7.42
N ILE F 156 16.58 -4.83 8.12
CA ILE F 156 18.02 -4.97 8.02
C ILE F 156 18.49 -5.79 9.21
N TYR F 157 19.34 -6.79 8.97
CA TYR F 157 19.87 -7.61 10.03
C TYR F 157 21.37 -7.46 10.13
N LEU F 158 21.87 -7.46 11.36
CA LEU F 158 23.30 -7.30 11.63
C LEU F 158 23.76 -8.44 12.52
N TYR F 159 24.95 -8.98 12.25
CA TYR F 159 25.53 -10.06 13.03
C TYR F 159 27.01 -9.79 13.18
N SER F 160 27.53 -10.13 14.35
CA SER F 160 28.95 -9.98 14.62
C SER F 160 29.31 -10.98 15.70
N SER F 161 30.46 -11.61 15.52
CA SER F 161 30.96 -12.60 16.46
C SER F 161 31.60 -11.95 17.67
N ALA F 162 31.25 -10.70 17.93
CA ALA F 162 31.81 -9.96 19.05
C ALA F 162 30.69 -9.11 19.63
N ALA F 163 30.93 -8.50 20.79
CA ALA F 163 29.87 -7.70 21.39
C ALA F 163 29.91 -6.31 20.79
N LEU F 164 28.74 -5.79 20.44
CA LEU F 164 28.67 -4.46 19.87
C LEU F 164 28.17 -3.49 20.91
N THR F 165 28.56 -2.23 20.73
CA THR F 165 28.17 -1.15 21.60
C THR F 165 27.36 -0.24 20.69
N GLU F 166 26.64 0.71 21.27
CA GLU F 166 25.79 1.61 20.52
C GLU F 166 26.30 2.25 19.23
N GLY F 167 27.59 2.14 18.94
CA GLY F 167 28.07 2.72 17.71
C GLY F 167 29.36 2.11 17.25
N ASP F 168 29.26 1.03 16.50
CA ASP F 168 30.43 0.33 16.01
C ASP F 168 30.23 0.16 14.55
N VAL F 169 29.00 -0.21 14.22
CA VAL F 169 28.60 -0.47 12.87
C VAL F 169 27.53 0.53 12.47
N ILE F 170 27.80 1.30 11.43
CA ILE F 170 26.83 2.25 10.89
C ILE F 170 26.44 1.65 9.55
N VAL F 171 25.16 1.27 9.47
CA VAL F 171 24.62 0.66 8.27
C VAL F 171 24.19 1.75 7.30
N HIS F 172 24.74 1.72 6.09
CA HIS F 172 24.39 2.70 5.06
C HIS F 172 23.42 2.00 4.12
N LEU F 173 22.29 2.65 3.85
CA LEU F 173 21.32 2.09 2.95
C LEU F 173 21.18 3.11 1.83
N GLU F 174 21.39 2.67 0.60
CA GLU F 174 21.27 3.54 -0.57
C GLU F 174 20.14 2.96 -1.44
N VAL F 175 19.13 3.79 -1.68
CA VAL F 175 17.93 3.39 -2.42
C VAL F 175 17.59 4.26 -3.66
N GLU F 176 17.44 3.61 -4.82
CA GLU F 176 17.06 4.28 -6.07
C GLU F 176 15.55 4.39 -6.03
N HIS F 177 15.01 5.53 -6.43
CA HIS F 177 13.56 5.71 -6.51
C HIS F 177 13.30 6.77 -7.57
N VAL F 178 12.07 6.83 -8.04
CA VAL F 178 11.70 7.78 -9.07
C VAL F 178 12.00 9.17 -8.51
N ARG F 179 12.59 10.04 -9.32
CA ARG F 179 12.89 11.39 -8.86
C ARG F 179 11.55 12.08 -8.69
N PRO F 180 11.37 12.78 -7.56
CA PRO F 180 10.13 13.50 -7.25
C PRO F 180 9.78 14.74 -8.07
N THR F 181 8.50 15.07 -7.98
CA THR F 181 7.86 16.17 -8.68
C THR F 181 7.88 17.49 -7.90
N PHE F 182 7.78 17.41 -6.57
CA PHE F 182 7.81 18.62 -5.76
C PHE F 182 9.11 19.41 -5.94
N ASP F 183 10.21 18.71 -6.20
CA ASP F 183 11.48 19.39 -6.40
C ASP F 183 11.35 20.45 -7.52
N ASP F 184 10.36 20.26 -8.37
CA ASP F 184 10.15 21.13 -9.50
C ASP F 184 9.34 22.43 -9.37
N SER F 185 8.62 22.61 -8.27
CA SER F 185 7.81 23.83 -8.12
C SER F 185 7.71 24.43 -6.74
N PHE F 186 7.23 25.66 -6.71
CA PHE F 186 7.00 26.38 -5.47
C PHE F 186 5.58 26.06 -5.10
N THR F 187 5.24 26.32 -3.84
CA THR F 187 3.89 26.10 -3.39
C THR F 187 3.17 27.36 -3.88
N PRO F 188 2.02 27.18 -4.53
CA PRO F 188 1.36 28.39 -5.00
C PRO F 188 0.89 29.21 -3.80
N VAL F 189 0.48 30.43 -4.09
CA VAL F 189 -0.02 31.33 -3.07
C VAL F 189 -1.51 31.55 -3.35
N TYR F 190 -2.22 31.98 -2.33
CA TYR F 190 -3.66 32.28 -2.33
C TYR F 190 -4.44 31.55 -1.23
#